data_5LXE
#
_entry.id   5LXE
#
_cell.length_a   81.540
_cell.length_b   88.120
_cell.length_c   88.780
_cell.angle_alpha   90.00
_cell.angle_beta   90.00
_cell.angle_gamma   90.00
#
_symmetry.space_group_name_H-M   'P 21 21 21'
#
loop_
_entity.id
_entity.type
_entity.pdbx_description
1 polymer 'F420-dependent glucose-6-phosphate dehydrogenase 1'
2 non-polymer GLYCEROL
3 non-polymer 'SULFATE ION'
4 water water
#
_entity_poly.entity_id   1
_entity_poly.type   'polypeptide(L)'
_entity_poly.pdbx_seq_one_letter_code
;MVIKFGYKASAEQFGPRELVELGVLAEAHGMDSATVSDHFQPWRHEGGHAPFSLAWMTAVGERTSRLQLGTSVMTPTFRY
NPAVVAQAFATMGCLYPGRIMLGVGTGEALNEIATGFAGEWPEFKERFARLREAVALMRELWLGDRVDFEGNYYKTVGAS
IYDVPEGGIPVYIAAGGPVVARYAGRSGDGFICTSGKGMELYTEKLMPAVAEGAEKADRDVAEIDKMIEIKISYDTDPEL
ALENTRFWAPLSLTPEQKHSIDDPIEMERAADALPIEQVAKRWIVASDPDEAVAQIRPYLDAGLNHLVFHAPGHDQKRFL
ELFQRDLAPRLRGLA
;
_entity_poly.pdbx_strand_id   A,B
#
# COMPACT_ATOMS: atom_id res chain seq x y z
N MET A 1 -6.53 -11.54 -26.87
CA MET A 1 -5.92 -10.26 -26.44
C MET A 1 -4.57 -10.03 -27.16
N VAL A 2 -4.26 -8.78 -27.45
CA VAL A 2 -3.03 -8.30 -28.17
C VAL A 2 -1.74 -8.76 -27.46
N ILE A 3 -0.69 -9.02 -28.20
CA ILE A 3 0.61 -9.44 -27.57
C ILE A 3 1.23 -8.28 -26.83
N LYS A 4 1.74 -8.55 -25.62
CA LYS A 4 2.42 -7.55 -24.81
C LYS A 4 3.62 -8.17 -24.16
N PHE A 5 4.69 -7.36 -23.97
CA PHE A 5 5.89 -7.82 -23.30
C PHE A 5 6.11 -6.95 -22.10
N GLY A 6 6.20 -7.55 -20.91
CA GLY A 6 6.47 -6.84 -19.73
C GLY A 6 7.53 -7.43 -18.86
N TYR A 7 7.61 -6.91 -17.65
CA TYR A 7 8.76 -7.10 -16.75
C TYR A 7 8.31 -7.57 -15.38
N LYS A 8 8.87 -8.60 -14.83
CA LYS A 8 8.55 -9.02 -13.42
C LYS A 8 9.60 -8.35 -12.52
N ALA A 9 9.15 -7.45 -11.67
CA ALA A 9 10.07 -6.84 -10.72
C ALA A 9 10.14 -7.77 -9.54
N SER A 10 11.38 -8.06 -9.11
CA SER A 10 11.59 -9.03 -8.06
C SER A 10 11.66 -8.38 -6.66
N ALA A 11 10.53 -8.29 -6.01
CA ALA A 11 10.44 -7.92 -4.61
C ALA A 11 11.24 -8.80 -3.71
N GLU A 12 11.45 -10.04 -4.17
CA GLU A 12 12.27 -11.00 -3.43
C GLU A 12 13.70 -10.61 -3.30
N GLN A 13 14.20 -9.82 -4.24
CA GLN A 13 15.56 -9.58 -4.46
C GLN A 13 16.10 -8.20 -4.30
N PHE A 14 15.20 -7.20 -4.26
CA PHE A 14 15.62 -5.76 -4.22
C PHE A 14 14.83 -5.04 -3.19
N GLY A 15 15.45 -4.07 -2.55
CA GLY A 15 14.80 -3.19 -1.59
C GLY A 15 13.94 -2.17 -2.30
N PRO A 16 13.18 -1.38 -1.50
CA PRO A 16 12.09 -0.64 -2.08
C PRO A 16 12.51 0.37 -3.16
N ARG A 17 13.51 1.20 -2.91
CA ARG A 17 13.87 2.25 -3.90
C ARG A 17 14.42 1.63 -5.18
N GLU A 18 15.28 0.64 -5.04
CA GLU A 18 15.80 0.00 -6.25
C GLU A 18 14.68 -0.64 -7.06
N LEU A 19 13.72 -1.28 -6.36
CA LEU A 19 12.63 -1.98 -7.06
C LEU A 19 11.79 -0.96 -7.85
N VAL A 20 11.47 0.17 -7.21
CA VAL A 20 10.78 1.21 -7.89
C VAL A 20 11.56 1.73 -9.11
N GLU A 21 12.85 2.01 -8.90
CA GLU A 21 13.62 2.48 -10.08
C GLU A 21 13.70 1.46 -11.21
N LEU A 22 13.67 0.18 -10.90
CA LEU A 22 13.59 -0.85 -11.96
C LEU A 22 12.28 -0.84 -12.70
N GLY A 23 11.15 -0.61 -11.97
CA GLY A 23 9.88 -0.45 -12.62
C GLY A 23 9.86 0.70 -13.61
N VAL A 24 10.42 1.80 -13.20
CA VAL A 24 10.49 2.99 -14.05
C VAL A 24 11.39 2.71 -15.28
N LEU A 25 12.54 2.10 -15.03
CA LEU A 25 13.43 1.68 -16.14
C LEU A 25 12.72 0.71 -17.09
N ALA A 26 11.85 -0.17 -16.62
CA ALA A 26 11.13 -1.06 -17.51
C ALA A 26 10.36 -0.25 -18.54
N GLU A 27 9.66 0.81 -18.12
CA GLU A 27 9.00 1.63 -19.09
C GLU A 27 9.98 2.34 -20.03
N ALA A 28 11.09 2.81 -19.50
CA ALA A 28 12.08 3.51 -20.35
C ALA A 28 12.61 2.60 -21.41
N HIS A 29 12.66 1.30 -21.13
CA HIS A 29 13.17 0.31 -22.06
C HIS A 29 12.11 -0.43 -22.84
N GLY A 30 10.89 0.15 -22.91
CA GLY A 30 9.88 -0.33 -23.78
C GLY A 30 8.95 -1.40 -23.33
N MET A 31 9.02 -1.81 -22.05
CA MET A 31 8.08 -2.78 -21.54
C MET A 31 6.63 -2.20 -21.40
N ASP A 32 5.68 -3.09 -21.68
CA ASP A 32 4.26 -2.76 -21.65
C ASP A 32 3.65 -2.88 -20.25
N SER A 33 4.25 -3.61 -19.34
CA SER A 33 3.75 -3.87 -18.01
C SER A 33 4.89 -4.15 -17.06
N ALA A 34 4.57 -4.07 -15.80
CA ALA A 34 5.48 -4.53 -14.77
C ALA A 34 4.63 -5.06 -13.64
N THR A 35 5.01 -6.21 -13.08
CA THR A 35 4.29 -6.82 -11.97
C THR A 35 5.23 -7.17 -10.86
N VAL A 36 4.68 -7.35 -9.68
N VAL A 36 4.76 -7.20 -9.61
CA VAL A 36 5.43 -7.64 -8.48
CA VAL A 36 5.53 -7.74 -8.50
C VAL A 36 4.72 -8.71 -7.65
C VAL A 36 4.76 -8.75 -7.67
N SER A 37 5.45 -9.62 -7.02
N SER A 37 5.47 -9.66 -7.01
CA SER A 37 4.83 -10.55 -6.10
CA SER A 37 4.85 -10.51 -6.02
C SER A 37 4.64 -9.85 -4.73
C SER A 37 4.51 -9.69 -4.77
N ASP A 38 3.61 -10.22 -3.96
CA ASP A 38 3.24 -9.61 -2.71
C ASP A 38 3.53 -10.60 -1.63
N HIS A 39 4.66 -10.44 -0.98
CA HIS A 39 5.01 -11.27 0.15
C HIS A 39 5.20 -10.35 1.33
N PHE A 40 5.06 -10.95 2.52
CA PHE A 40 5.40 -10.28 3.73
C PHE A 40 6.87 -10.58 4.12
N GLN A 41 7.20 -11.87 4.17
CA GLN A 41 8.52 -12.35 4.67
C GLN A 41 9.55 -12.09 3.61
N PRO A 42 10.71 -11.59 4.00
CA PRO A 42 11.82 -11.56 3.05
C PRO A 42 11.99 -12.96 2.44
N TRP A 43 12.24 -12.98 1.13
CA TRP A 43 12.08 -14.25 0.42
C TRP A 43 13.11 -15.29 0.91
N ARG A 44 14.28 -14.79 1.25
CA ARG A 44 15.35 -15.66 1.79
C ARG A 44 16.15 -14.81 2.67
N HIS A 45 17.00 -15.45 3.49
CA HIS A 45 17.86 -14.66 4.38
C HIS A 45 18.98 -13.93 3.70
N GLU A 46 19.70 -14.62 2.83
CA GLU A 46 20.85 -14.04 2.18
C GLU A 46 20.44 -13.16 1.00
N GLY A 47 20.42 -11.86 1.21
CA GLY A 47 20.12 -10.91 0.13
C GLY A 47 18.62 -10.82 -0.17
N GLY A 48 17.78 -11.30 0.73
CA GLY A 48 16.33 -11.31 0.54
C GLY A 48 15.66 -10.00 0.92
N HIS A 49 14.54 -9.76 0.27
CA HIS A 49 13.78 -8.51 0.48
C HIS A 49 12.29 -8.87 0.39
N ALA A 50 11.50 -7.84 0.71
CA ALA A 50 10.03 -7.89 0.57
C ALA A 50 9.40 -6.49 0.67
N PRO A 51 9.68 -5.60 -0.28
CA PRO A 51 9.01 -4.29 -0.23
C PRO A 51 7.51 -4.48 -0.43
N PHE A 52 6.77 -3.61 0.22
CA PHE A 52 5.33 -3.67 0.19
C PHE A 52 4.79 -3.40 -1.21
N SER A 53 4.06 -4.36 -1.76
CA SER A 53 3.68 -4.32 -3.18
C SER A 53 2.92 -3.10 -3.59
N LEU A 54 2.00 -2.67 -2.79
CA LEU A 54 1.11 -1.55 -3.16
C LEU A 54 1.87 -0.24 -3.18
N ALA A 55 2.87 -0.06 -2.31
CA ALA A 55 3.74 1.14 -2.36
C ALA A 55 4.58 1.10 -3.64
N TRP A 56 5.10 -0.07 -4.01
CA TRP A 56 5.81 -0.15 -5.28
C TRP A 56 4.92 0.23 -6.45
N MET A 57 3.71 -0.33 -6.50
CA MET A 57 2.83 -0.06 -7.63
C MET A 57 2.54 1.45 -7.70
N THR A 58 2.22 2.08 -6.57
CA THR A 58 1.85 3.48 -6.58
C THR A 58 3.04 4.34 -6.96
N ALA A 59 4.21 4.08 -6.40
CA ALA A 59 5.37 4.94 -6.67
C ALA A 59 5.73 4.78 -8.15
N VAL A 60 5.73 3.55 -8.66
CA VAL A 60 6.00 3.42 -10.13
C VAL A 60 4.93 4.11 -10.97
N GLY A 61 3.67 3.94 -10.61
CA GLY A 61 2.59 4.62 -11.30
C GLY A 61 2.78 6.12 -11.41
N GLU A 62 3.18 6.72 -10.33
CA GLU A 62 3.33 8.17 -10.27
C GLU A 62 4.48 8.65 -11.11
N ARG A 63 5.43 7.77 -11.40
CA ARG A 63 6.66 8.04 -12.20
C ARG A 63 6.54 7.71 -13.67
N THR A 64 5.45 7.07 -14.07
CA THR A 64 5.27 6.50 -15.40
C THR A 64 4.03 7.01 -16.06
N SER A 65 3.79 6.61 -17.29
CA SER A 65 2.59 7.04 -18.02
C SER A 65 1.89 6.01 -18.85
N ARG A 66 2.56 4.92 -19.14
CA ARG A 66 2.09 3.89 -20.04
C ARG A 66 1.99 2.48 -19.44
N LEU A 67 2.98 2.12 -18.61
CA LEU A 67 3.11 0.82 -18.04
C LEU A 67 1.84 0.33 -17.31
N GLN A 68 1.35 -0.84 -17.63
CA GLN A 68 0.33 -1.54 -16.84
C GLN A 68 1.06 -2.05 -15.60
N LEU A 69 0.46 -1.88 -14.43
CA LEU A 69 1.06 -2.34 -13.20
C LEU A 69 0.12 -3.22 -12.46
N GLY A 70 0.67 -4.22 -11.77
CA GLY A 70 -0.16 -5.13 -11.00
C GLY A 70 0.60 -6.04 -10.09
N THR A 71 -0.12 -6.83 -9.30
CA THR A 71 0.43 -7.90 -8.52
C THR A 71 0.46 -9.19 -9.24
N SER A 72 1.52 -9.97 -9.03
CA SER A 72 1.62 -11.30 -9.58
C SER A 72 2.27 -12.20 -8.56
N VAL A 73 1.58 -12.60 -7.50
CA VAL A 73 0.20 -12.27 -7.16
C VAL A 73 0.14 -11.90 -5.71
N MET A 74 -1.01 -11.43 -5.24
N MET A 74 -1.02 -11.46 -5.24
CA MET A 74 -1.25 -11.26 -3.82
CA MET A 74 -1.29 -11.20 -3.85
C MET A 74 -2.42 -12.14 -3.39
C MET A 74 -2.36 -12.21 -3.42
N THR A 75 -2.36 -12.53 -2.14
CA THR A 75 -3.38 -13.35 -1.53
C THR A 75 -4.27 -12.45 -0.71
N PRO A 76 -5.52 -12.19 -1.12
CA PRO A 76 -6.36 -11.22 -0.51
C PRO A 76 -7.25 -11.76 0.60
N THR A 77 -6.88 -12.93 1.15
CA THR A 77 -7.87 -13.75 1.92
C THR A 77 -7.51 -13.98 3.38
N PHE A 78 -6.29 -13.72 3.77
CA PHE A 78 -5.89 -14.07 5.18
C PHE A 78 -5.36 -12.85 5.97
N ARG A 79 -4.27 -12.28 5.56
CA ARG A 79 -3.79 -11.13 6.29
C ARG A 79 -4.29 -9.79 5.77
N TYR A 80 -5.08 -9.80 4.69
CA TYR A 80 -5.72 -8.60 4.22
C TYR A 80 -7.19 -8.74 4.37
N ASN A 81 -7.87 -7.67 4.65
CA ASN A 81 -9.30 -7.57 4.57
C ASN A 81 -9.70 -7.25 3.11
N PRO A 82 -10.47 -8.12 2.48
CA PRO A 82 -10.76 -7.91 1.06
C PRO A 82 -11.42 -6.60 0.76
N ALA A 83 -12.24 -6.04 1.65
CA ALA A 83 -12.84 -4.75 1.37
C ALA A 83 -11.75 -3.67 1.28
N VAL A 84 -10.73 -3.73 2.16
CA VAL A 84 -9.63 -2.78 2.11
C VAL A 84 -8.75 -2.99 0.86
N VAL A 85 -8.54 -4.22 0.45
CA VAL A 85 -7.91 -4.48 -0.81
C VAL A 85 -8.65 -3.79 -1.95
N ALA A 86 -9.96 -3.97 -1.97
CA ALA A 86 -10.79 -3.33 -3.01
C ALA A 86 -10.60 -1.82 -3.00
N GLN A 87 -10.59 -1.20 -1.82
CA GLN A 87 -10.39 0.24 -1.68
C GLN A 87 -9.00 0.62 -2.29
N ALA A 88 -7.96 -0.10 -1.86
CA ALA A 88 -6.63 0.21 -2.27
C ALA A 88 -6.50 0.16 -3.78
N PHE A 89 -6.99 -0.90 -4.40
CA PHE A 89 -6.87 -1.05 -5.85
C PHE A 89 -7.77 -0.07 -6.59
N ALA A 90 -8.95 0.23 -6.08
CA ALA A 90 -9.82 1.21 -6.74
C ALA A 90 -9.11 2.59 -6.72
N THR A 91 -8.51 2.99 -5.61
CA THR A 91 -7.75 4.24 -5.52
C THR A 91 -6.63 4.26 -6.50
N MET A 92 -5.85 3.18 -6.55
CA MET A 92 -4.76 3.16 -7.52
C MET A 92 -5.29 3.26 -8.95
N GLY A 93 -6.40 2.59 -9.22
CA GLY A 93 -6.96 2.66 -10.54
C GLY A 93 -7.41 4.07 -10.91
N CYS A 94 -7.92 4.82 -9.95
CA CYS A 94 -8.23 6.24 -10.22
C CYS A 94 -6.95 7.06 -10.50
N LEU A 95 -5.87 6.81 -9.74
CA LEU A 95 -4.60 7.52 -9.88
C LEU A 95 -3.96 7.25 -11.20
N TYR A 96 -4.10 5.98 -11.69
CA TYR A 96 -3.35 5.51 -12.89
C TYR A 96 -4.43 4.89 -13.80
N PRO A 97 -5.25 5.70 -14.46
CA PRO A 97 -6.33 5.13 -15.23
C PRO A 97 -5.93 4.22 -16.35
N GLY A 98 -6.58 3.06 -16.37
CA GLY A 98 -6.32 2.07 -17.37
C GLY A 98 -5.05 1.31 -17.22
N ARG A 99 -4.33 1.45 -16.08
CA ARG A 99 -3.03 0.89 -15.88
C ARG A 99 -2.87 -0.02 -14.66
N ILE A 100 -3.95 -0.38 -14.00
CA ILE A 100 -3.86 -1.12 -12.72
C ILE A 100 -4.65 -2.40 -12.89
N MET A 101 -4.02 -3.47 -12.43
CA MET A 101 -4.72 -4.77 -12.23
C MET A 101 -4.41 -5.36 -10.88
N LEU A 102 -5.32 -6.24 -10.42
CA LEU A 102 -5.21 -6.96 -9.20
C LEU A 102 -4.97 -8.43 -9.53
N GLY A 103 -3.78 -8.93 -9.36
CA GLY A 103 -3.48 -10.35 -9.60
C GLY A 103 -3.45 -11.08 -8.29
N VAL A 104 -4.22 -12.17 -8.28
CA VAL A 104 -4.51 -12.89 -7.02
C VAL A 104 -4.26 -14.38 -7.14
N GLY A 105 -3.87 -14.94 -6.00
CA GLY A 105 -3.69 -16.39 -5.85
C GLY A 105 -4.27 -16.88 -4.54
N THR A 106 -4.26 -18.24 -4.40
CA THR A 106 -4.89 -18.89 -3.30
C THR A 106 -4.04 -18.91 -2.02
N GLY A 107 -2.72 -18.69 -2.18
CA GLY A 107 -1.89 -18.33 -1.08
C GLY A 107 -0.98 -19.46 -0.65
N GLU A 108 -0.02 -19.04 0.14
CA GLU A 108 0.94 -20.01 0.70
C GLU A 108 1.08 -19.76 2.19
N ALA A 109 1.33 -20.84 2.90
CA ALA A 109 1.19 -20.82 4.30
C ALA A 109 2.24 -19.96 5.01
N LEU A 110 3.46 -20.04 4.52
CA LEU A 110 4.60 -19.43 5.22
C LEU A 110 4.35 -17.95 5.57
N ASN A 111 3.88 -17.19 4.59
CA ASN A 111 3.62 -15.79 4.82
C ASN A 111 2.46 -15.46 5.77
N GLU A 112 1.41 -16.31 5.74
CA GLU A 112 0.30 -16.12 6.58
C GLU A 112 0.66 -16.54 8.04
N ILE A 113 1.34 -17.71 8.20
CA ILE A 113 1.74 -18.13 9.56
C ILE A 113 2.63 -17.03 10.17
N ALA A 114 3.51 -16.49 9.36
CA ALA A 114 4.40 -15.44 9.83
C ALA A 114 3.67 -14.24 10.40
N THR A 115 2.54 -13.86 9.76
CA THR A 115 1.76 -12.73 10.15
C THR A 115 0.57 -13.07 11.06
N GLY A 116 0.57 -14.29 11.65
CA GLY A 116 -0.31 -14.54 12.77
C GLY A 116 -1.49 -15.46 12.47
N PHE A 117 -1.54 -16.03 11.31
CA PHE A 117 -2.61 -16.95 10.96
C PHE A 117 -2.57 -18.15 11.97
N ALA A 118 -3.75 -18.40 12.53
CA ALA A 118 -3.97 -19.38 13.61
C ALA A 118 -4.49 -20.69 13.06
N GLY A 119 -3.93 -21.80 13.52
CA GLY A 119 -4.61 -23.08 13.29
C GLY A 119 -4.16 -23.76 12.02
N GLU A 120 -4.93 -24.73 11.58
CA GLU A 120 -4.48 -25.52 10.47
C GLU A 120 -4.65 -24.72 9.18
N TRP A 121 -3.65 -24.89 8.35
CA TRP A 121 -3.62 -24.25 7.06
C TRP A 121 -4.62 -24.94 6.17
N PRO A 122 -5.59 -24.18 5.64
CA PRO A 122 -6.61 -24.85 4.79
C PRO A 122 -6.12 -25.52 3.55
N GLU A 123 -6.79 -26.62 3.12
CA GLU A 123 -6.45 -27.26 1.86
C GLU A 123 -6.94 -26.47 0.66
N PHE A 124 -6.56 -26.88 -0.56
CA PHE A 124 -6.78 -26.12 -1.76
C PHE A 124 -8.26 -25.75 -1.94
N LYS A 125 -9.17 -26.69 -1.74
CA LYS A 125 -10.59 -26.37 -1.96
C LYS A 125 -11.06 -25.13 -1.16
N GLU A 126 -10.67 -25.09 0.12
CA GLU A 126 -11.06 -24.00 1.02
C GLU A 126 -10.29 -22.70 0.67
N ARG A 127 -9.03 -22.79 0.35
CA ARG A 127 -8.24 -21.57 -0.02
C ARG A 127 -8.87 -21.02 -1.28
N PHE A 128 -9.25 -21.85 -2.22
CA PHE A 128 -9.78 -21.43 -3.51
C PHE A 128 -11.22 -20.86 -3.30
N ALA A 129 -12.05 -21.48 -2.43
CA ALA A 129 -13.34 -20.93 -2.09
C ALA A 129 -13.23 -19.50 -1.47
N ARG A 130 -12.24 -19.34 -0.60
CA ARG A 130 -12.00 -18.02 0.03
C ARG A 130 -11.64 -17.00 -1.08
N LEU A 131 -10.79 -17.41 -1.98
CA LEU A 131 -10.38 -16.51 -3.06
C LEU A 131 -11.55 -16.08 -3.90
N ARG A 132 -12.40 -17.01 -4.32
CA ARG A 132 -13.53 -16.68 -5.13
C ARG A 132 -14.50 -15.75 -4.36
N GLU A 133 -14.67 -15.97 -3.07
CA GLU A 133 -15.54 -15.17 -2.29
C GLU A 133 -14.98 -13.70 -2.16
N ALA A 134 -13.68 -13.64 -1.90
CA ALA A 134 -13.02 -12.33 -1.81
C ALA A 134 -13.17 -11.56 -3.13
N VAL A 135 -12.89 -12.19 -4.25
CA VAL A 135 -13.06 -11.54 -5.55
C VAL A 135 -14.50 -11.05 -5.74
N ALA A 136 -15.49 -11.88 -5.36
CA ALA A 136 -16.86 -11.47 -5.51
C ALA A 136 -17.18 -10.25 -4.66
N LEU A 137 -16.68 -10.22 -3.41
CA LEU A 137 -16.89 -9.11 -2.50
CA LEU A 137 -16.90 -9.10 -2.51
C LEU A 137 -16.29 -7.82 -3.10
N MET A 138 -15.05 -7.93 -3.59
N MET A 138 -15.05 -7.93 -3.56
CA MET A 138 -14.39 -6.74 -4.17
CA MET A 138 -14.37 -6.74 -4.12
C MET A 138 -15.17 -6.17 -5.35
C MET A 138 -15.10 -6.18 -5.38
N ARG A 139 -15.62 -7.06 -6.22
CA ARG A 139 -16.40 -6.67 -7.38
C ARG A 139 -17.73 -6.01 -6.97
N GLU A 140 -18.39 -6.59 -5.95
CA GLU A 140 -19.63 -5.98 -5.44
C GLU A 140 -19.38 -4.58 -4.98
N LEU A 141 -18.31 -4.38 -4.23
CA LEU A 141 -17.94 -3.06 -3.82
C LEU A 141 -17.66 -2.11 -4.96
N TRP A 142 -16.86 -2.55 -5.91
CA TRP A 142 -16.48 -1.68 -7.01
C TRP A 142 -17.66 -1.25 -7.83
N LEU A 143 -18.62 -2.15 -8.00
CA LEU A 143 -19.69 -1.95 -8.98
C LEU A 143 -21.01 -1.56 -8.32
N GLY A 144 -21.09 -1.52 -6.99
CA GLY A 144 -22.32 -1.34 -6.28
C GLY A 144 -22.35 -0.04 -5.52
N ASP A 145 -23.32 0.09 -4.63
CA ASP A 145 -23.59 1.40 -4.02
C ASP A 145 -23.29 1.14 -2.61
N ARG A 146 -24.19 0.53 -1.84
CA ARG A 146 -23.95 0.39 -0.34
C ARG A 146 -24.17 -1.10 -0.02
N VAL A 147 -23.08 -1.84 0.06
CA VAL A 147 -23.09 -3.27 -0.08
C VAL A 147 -23.12 -3.97 1.24
N ASP A 148 -24.08 -4.88 1.41
CA ASP A 148 -24.16 -5.79 2.48
C ASP A 148 -23.80 -7.15 1.97
N PHE A 149 -22.61 -7.56 2.24
CA PHE A 149 -22.10 -8.86 1.77
C PHE A 149 -21.94 -9.73 2.94
N GLU A 150 -22.40 -10.98 2.81
CA GLU A 150 -22.11 -11.88 3.86
C GLU A 150 -21.79 -13.25 3.33
N GLY A 151 -20.54 -13.67 3.36
CA GLY A 151 -20.20 -14.96 2.83
C GLY A 151 -19.87 -15.94 3.93
N ASN A 152 -19.17 -16.98 3.57
CA ASN A 152 -18.62 -17.92 4.55
C ASN A 152 -17.47 -17.34 5.36
N TYR A 153 -16.75 -16.32 4.82
CA TYR A 153 -15.54 -15.88 5.36
C TYR A 153 -15.60 -14.38 5.58
N TYR A 154 -16.13 -13.62 4.62
CA TYR A 154 -15.99 -12.17 4.60
C TYR A 154 -17.31 -11.51 4.70
N LYS A 155 -17.32 -10.28 5.19
CA LYS A 155 -18.52 -9.53 5.41
C LYS A 155 -18.31 -8.06 5.20
N THR A 156 -19.34 -7.37 4.68
CA THR A 156 -19.41 -5.91 4.68
C THR A 156 -20.81 -5.49 5.11
N VAL A 157 -20.90 -4.28 5.58
CA VAL A 157 -22.16 -3.68 6.08
C VAL A 157 -22.24 -2.29 5.55
N GLY A 158 -23.15 -2.09 4.60
CA GLY A 158 -23.35 -0.78 4.03
C GLY A 158 -22.15 -0.12 3.41
N ALA A 159 -21.29 -0.95 2.88
CA ALA A 159 -19.95 -0.52 2.46
C ALA A 159 -20.00 0.06 1.09
N SER A 160 -19.22 1.12 0.86
CA SER A 160 -19.16 1.72 -0.47
C SER A 160 -17.73 2.04 -0.86
N ILE A 161 -17.48 2.02 -2.15
CA ILE A 161 -16.30 2.54 -2.76
C ILE A 161 -16.85 3.39 -3.94
N TYR A 162 -16.75 4.68 -3.84
CA TYR A 162 -17.14 5.56 -4.95
C TYR A 162 -16.00 6.01 -5.82
N ASP A 163 -14.79 6.02 -5.27
CA ASP A 163 -13.58 6.38 -6.03
C ASP A 163 -13.06 5.12 -6.69
N VAL A 164 -13.62 4.80 -7.84
CA VAL A 164 -13.28 3.62 -8.59
C VAL A 164 -13.53 3.85 -10.06
N PRO A 165 -12.67 3.37 -10.94
CA PRO A 165 -12.95 3.48 -12.41
C PRO A 165 -14.19 2.78 -12.83
N GLU A 166 -14.75 3.31 -13.91
CA GLU A 166 -15.87 2.62 -14.55
C GLU A 166 -15.50 1.19 -14.93
N GLY A 167 -16.36 0.26 -14.49
CA GLY A 167 -16.17 -1.15 -14.74
C GLY A 167 -15.31 -1.85 -13.69
N GLY A 168 -14.78 -1.10 -12.71
CA GLY A 168 -13.96 -1.72 -11.61
C GLY A 168 -12.52 -1.85 -12.01
N ILE A 169 -11.89 -2.82 -11.40
CA ILE A 169 -10.47 -3.04 -11.56
C ILE A 169 -10.32 -4.45 -12.15
N PRO A 170 -9.52 -4.63 -13.21
CA PRO A 170 -9.27 -5.99 -13.73
C PRO A 170 -8.63 -6.92 -12.74
N VAL A 171 -9.19 -8.13 -12.63
CA VAL A 171 -8.66 -9.16 -11.75
C VAL A 171 -8.06 -10.29 -12.54
N TYR A 172 -6.82 -10.60 -12.24
CA TYR A 172 -6.10 -11.67 -12.92
C TYR A 172 -5.92 -12.78 -11.90
N ILE A 173 -6.21 -14.04 -12.27
CA ILE A 173 -6.16 -15.17 -11.36
C ILE A 173 -4.93 -16.04 -11.73
N ALA A 174 -4.08 -16.26 -10.77
CA ALA A 174 -2.97 -17.23 -10.96
C ALA A 174 -3.54 -18.66 -11.00
N ALA A 175 -3.13 -19.41 -12.01
CA ALA A 175 -3.64 -20.81 -12.22
C ALA A 175 -2.50 -21.76 -12.49
N GLY A 176 -2.39 -22.80 -11.64
CA GLY A 176 -1.40 -23.89 -11.89
C GLY A 176 -2.07 -25.15 -12.36
N GLY A 177 -3.38 -25.19 -12.30
CA GLY A 177 -4.16 -26.32 -12.81
C GLY A 177 -5.46 -26.00 -13.46
N PRO A 178 -6.16 -26.95 -14.04
CA PRO A 178 -7.31 -26.71 -14.78
C PRO A 178 -8.51 -26.14 -14.00
N VAL A 179 -8.66 -26.49 -12.73
CA VAL A 179 -9.81 -26.06 -11.99
C VAL A 179 -9.81 -24.51 -11.86
N VAL A 180 -8.67 -23.99 -11.44
CA VAL A 180 -8.58 -22.53 -11.28
C VAL A 180 -8.61 -21.91 -12.65
N ALA A 181 -7.98 -22.48 -13.70
CA ALA A 181 -8.01 -21.95 -15.01
C ALA A 181 -9.45 -21.85 -15.56
N ARG A 182 -10.29 -22.82 -15.28
CA ARG A 182 -11.68 -22.69 -15.69
C ARG A 182 -12.43 -21.51 -14.99
N TYR A 183 -12.18 -21.35 -13.70
CA TYR A 183 -12.67 -20.20 -13.00
C TYR A 183 -12.16 -18.92 -13.65
N ALA A 184 -10.87 -18.87 -14.01
CA ALA A 184 -10.38 -17.65 -14.74
C ALA A 184 -11.11 -17.43 -16.05
N GLY A 185 -11.46 -18.50 -16.78
CA GLY A 185 -12.27 -18.37 -17.94
C GLY A 185 -13.68 -17.85 -17.70
N ARG A 186 -14.30 -18.28 -16.60
CA ARG A 186 -15.60 -17.86 -16.26
C ARG A 186 -15.63 -16.38 -15.77
N SER A 187 -14.59 -16.01 -14.98
CA SER A 187 -14.72 -14.86 -14.10
C SER A 187 -13.51 -13.91 -14.15
N GLY A 188 -12.38 -14.33 -14.68
CA GLY A 188 -11.17 -13.51 -14.60
C GLY A 188 -11.11 -12.58 -15.76
N ASP A 189 -10.53 -11.40 -15.50
CA ASP A 189 -10.13 -10.54 -16.60
C ASP A 189 -8.82 -10.96 -17.21
N GLY A 190 -8.08 -11.80 -16.47
CA GLY A 190 -6.85 -12.40 -16.96
C GLY A 190 -6.53 -13.63 -16.18
N PHE A 191 -5.58 -14.42 -16.67
CA PHE A 191 -4.98 -15.45 -15.84
C PHE A 191 -3.48 -15.35 -15.94
N ILE A 192 -2.84 -15.91 -14.94
CA ILE A 192 -1.40 -15.83 -14.83
C ILE A 192 -0.87 -17.27 -14.59
N CYS A 193 0.19 -17.61 -15.34
CA CYS A 193 0.90 -18.88 -15.05
C CYS A 193 2.38 -18.57 -15.19
N THR A 194 3.19 -19.59 -14.84
CA THR A 194 4.66 -19.45 -14.90
C THR A 194 5.26 -20.48 -15.82
N SER A 195 6.28 -20.03 -16.55
CA SER A 195 7.05 -20.86 -17.53
C SER A 195 7.87 -21.93 -16.87
N GLY A 196 8.38 -22.81 -17.74
CA GLY A 196 9.39 -23.79 -17.32
C GLY A 196 8.84 -25.10 -16.84
N LYS A 197 7.53 -25.30 -16.92
CA LYS A 197 6.90 -26.45 -16.29
C LYS A 197 6.48 -27.54 -17.26
N GLY A 198 6.88 -27.46 -18.53
CA GLY A 198 6.64 -28.61 -19.45
C GLY A 198 5.44 -28.18 -20.27
N MET A 199 5.57 -28.16 -21.60
CA MET A 199 4.63 -27.47 -22.46
C MET A 199 3.20 -27.99 -22.41
N GLU A 200 3.02 -29.29 -22.09
CA GLU A 200 1.67 -29.83 -21.97
C GLU A 200 0.85 -29.11 -20.94
N LEU A 201 1.45 -28.62 -19.86
CA LEU A 201 0.66 -27.88 -18.86
C LEU A 201 -0.14 -26.77 -19.60
N TYR A 202 0.52 -26.06 -20.48
CA TYR A 202 -0.10 -24.82 -21.09
C TYR A 202 -1.05 -25.22 -22.21
N THR A 203 -0.61 -26.14 -23.09
CA THR A 203 -1.42 -26.49 -24.22
C THR A 203 -2.55 -27.47 -23.99
N GLU A 204 -2.39 -28.34 -23.01
CA GLU A 204 -3.41 -29.36 -22.78
C GLU A 204 -4.27 -29.10 -21.58
N LYS A 205 -3.75 -28.44 -20.53
CA LYS A 205 -4.53 -28.24 -19.35
C LYS A 205 -5.06 -26.78 -19.22
N LEU A 206 -4.12 -25.81 -19.14
CA LEU A 206 -4.53 -24.42 -18.77
C LEU A 206 -5.26 -23.72 -19.89
N MET A 207 -4.73 -23.66 -21.12
CA MET A 207 -5.42 -22.96 -22.21
C MET A 207 -6.81 -23.49 -22.53
N PRO A 208 -6.98 -24.81 -22.62
CA PRO A 208 -8.28 -25.34 -22.88
C PRO A 208 -9.29 -25.08 -21.76
N ALA A 209 -8.77 -25.08 -20.50
CA ALA A 209 -9.61 -24.79 -19.37
C ALA A 209 -10.13 -23.33 -19.39
N VAL A 210 -9.24 -22.40 -19.72
CA VAL A 210 -9.69 -21.04 -19.78
C VAL A 210 -10.78 -20.88 -20.84
N ALA A 211 -10.59 -21.53 -22.00
CA ALA A 211 -11.54 -21.47 -23.05
C ALA A 211 -12.91 -22.09 -22.67
N GLU A 212 -12.83 -23.18 -21.96
CA GLU A 212 -14.06 -23.80 -21.55
C GLU A 212 -14.85 -22.92 -20.57
N GLY A 213 -14.13 -22.35 -19.60
CA GLY A 213 -14.79 -21.46 -18.65
C GLY A 213 -15.43 -20.29 -19.32
N ALA A 214 -14.69 -19.71 -20.25
CA ALA A 214 -15.24 -18.60 -21.03
C ALA A 214 -16.52 -19.00 -21.74
N GLU A 215 -16.52 -20.18 -22.38
CA GLU A 215 -17.72 -20.62 -23.13
C GLU A 215 -18.89 -20.84 -22.15
N LYS A 216 -18.64 -21.41 -20.98
CA LYS A 216 -19.72 -21.66 -20.00
C LYS A 216 -20.32 -20.38 -19.49
N ALA A 217 -19.52 -19.31 -19.45
CA ALA A 217 -19.97 -18.00 -18.98
C ALA A 217 -20.45 -17.09 -20.13
N ASP A 218 -20.51 -17.62 -21.32
CA ASP A 218 -20.96 -16.88 -22.47
C ASP A 218 -20.07 -15.69 -22.79
N ARG A 219 -18.77 -15.84 -22.46
CA ARG A 219 -17.77 -14.82 -22.77
C ARG A 219 -16.97 -15.16 -24.00
N ASP A 220 -16.34 -14.13 -24.56
CA ASP A 220 -15.37 -14.27 -25.65
C ASP A 220 -13.99 -14.45 -25.00
N VAL A 221 -13.43 -15.63 -25.13
CA VAL A 221 -12.12 -15.94 -24.52
C VAL A 221 -11.03 -14.97 -24.98
N ALA A 222 -11.17 -14.35 -26.14
CA ALA A 222 -10.22 -13.38 -26.57
C ALA A 222 -10.15 -12.16 -25.67
N GLU A 223 -11.16 -11.89 -24.83
CA GLU A 223 -11.11 -10.74 -23.96
C GLU A 223 -10.23 -10.99 -22.73
N ILE A 224 -9.86 -12.25 -22.46
CA ILE A 224 -9.11 -12.58 -21.23
C ILE A 224 -7.63 -12.45 -21.55
N ASP A 225 -6.93 -11.66 -20.76
CA ASP A 225 -5.48 -11.52 -20.92
C ASP A 225 -4.78 -12.76 -20.41
N LYS A 226 -3.92 -13.37 -21.23
CA LYS A 226 -3.32 -14.64 -20.89
C LYS A 226 -1.82 -14.42 -20.62
N MET A 227 -1.55 -14.24 -19.35
CA MET A 227 -0.24 -13.81 -18.90
C MET A 227 0.61 -14.97 -18.42
N ILE A 228 1.92 -14.89 -18.77
CA ILE A 228 2.85 -15.93 -18.30
C ILE A 228 4.11 -15.23 -17.87
N GLU A 229 4.56 -15.62 -16.68
CA GLU A 229 5.93 -15.21 -16.21
C GLU A 229 6.96 -16.12 -16.87
N ILE A 230 7.75 -15.51 -17.74
CA ILE A 230 8.81 -16.21 -18.54
C ILE A 230 10.10 -16.05 -17.67
N LYS A 231 10.55 -17.15 -17.12
CA LYS A 231 11.85 -17.23 -16.35
C LYS A 231 12.97 -17.35 -17.37
N ILE A 232 13.66 -16.25 -17.56
CA ILE A 232 14.72 -16.21 -18.57
C ILE A 232 15.95 -15.53 -18.01
N SER A 233 17.09 -16.27 -18.11
CA SER A 233 18.38 -15.72 -17.80
C SER A 233 19.08 -15.45 -19.14
N TYR A 234 18.90 -14.27 -19.68
CA TYR A 234 19.59 -13.85 -20.89
C TYR A 234 20.75 -12.96 -20.46
N ASP A 235 21.95 -13.29 -20.96
CA ASP A 235 23.10 -12.43 -20.83
C ASP A 235 24.03 -12.83 -22.00
N THR A 236 24.59 -11.84 -22.68
CA THR A 236 25.55 -12.13 -23.75
C THR A 236 26.81 -12.80 -23.24
N ASP A 237 27.09 -12.67 -21.95
CA ASP A 237 28.21 -13.39 -21.31
C ASP A 237 27.66 -14.72 -20.82
N PRO A 238 28.10 -15.83 -21.41
CA PRO A 238 27.51 -17.14 -21.05
C PRO A 238 27.73 -17.61 -19.63
N GLU A 239 28.80 -17.16 -19.01
CA GLU A 239 29.03 -17.48 -17.63
C GLU A 239 27.95 -16.77 -16.78
N LEU A 240 27.72 -15.50 -17.04
CA LEU A 240 26.62 -14.76 -16.30
C LEU A 240 25.28 -15.35 -16.65
N ALA A 241 25.04 -15.72 -17.90
CA ALA A 241 23.69 -16.29 -18.25
C ALA A 241 23.37 -17.46 -17.32
N LEU A 242 24.34 -18.35 -17.07
CA LEU A 242 24.14 -19.41 -16.14
C LEU A 242 24.15 -19.01 -14.67
N GLU A 243 25.20 -18.27 -14.28
CA GLU A 243 25.47 -18.02 -12.89
C GLU A 243 24.48 -17.00 -12.26
N ASN A 244 23.85 -16.22 -13.12
CA ASN A 244 22.86 -15.24 -12.61
C ASN A 244 21.66 -15.93 -12.02
N THR A 245 21.47 -17.21 -12.25
CA THR A 245 20.35 -17.94 -11.60
C THR A 245 20.55 -18.16 -10.14
N ARG A 246 21.76 -18.01 -9.59
CA ARG A 246 22.09 -18.44 -8.27
C ARG A 246 21.17 -17.98 -7.17
N PHE A 247 20.79 -16.69 -7.19
CA PHE A 247 19.92 -16.20 -6.13
C PHE A 247 18.71 -17.08 -5.95
N TRP A 248 18.21 -17.64 -7.04
CA TRP A 248 16.94 -18.33 -7.07
C TRP A 248 17.07 -19.82 -6.75
N ALA A 249 18.24 -20.24 -6.28
CA ALA A 249 18.48 -21.62 -5.99
C ALA A 249 17.50 -22.26 -4.98
N PRO A 250 16.92 -21.47 -4.08
CA PRO A 250 15.93 -22.16 -3.18
C PRO A 250 14.77 -22.80 -3.90
N LEU A 251 14.44 -22.35 -5.11
CA LEU A 251 13.36 -22.94 -5.88
C LEU A 251 13.74 -24.33 -6.44
N SER A 252 15.03 -24.67 -6.41
CA SER A 252 15.59 -25.81 -7.17
C SER A 252 15.88 -27.00 -6.30
N LEU A 253 15.48 -26.97 -5.05
CA LEU A 253 15.73 -28.17 -4.20
C LEU A 253 14.84 -29.34 -4.61
N PRO A 264 14.28 -22.15 7.67
CA PRO A 264 15.42 -22.96 8.02
C PRO A 264 16.69 -22.47 7.36
N ILE A 265 17.74 -22.35 8.17
CA ILE A 265 19.04 -21.87 7.71
C ILE A 265 19.75 -22.97 6.90
N GLU A 266 19.39 -24.23 7.16
CA GLU A 266 20.00 -25.37 6.47
C GLU A 266 19.62 -25.39 4.99
N MET A 267 18.33 -25.26 4.72
CA MET A 267 17.78 -25.08 3.37
C MET A 267 18.61 -24.11 2.50
N GLU A 268 18.96 -22.95 3.05
CA GLU A 268 19.69 -21.95 2.26
C GLU A 268 21.13 -22.29 2.02
N ARG A 269 21.80 -22.84 3.03
CA ARG A 269 23.10 -23.47 2.84
C ARG A 269 23.05 -24.54 1.75
N ALA A 270 22.03 -25.40 1.78
CA ALA A 270 21.83 -26.40 0.74
C ALA A 270 21.66 -25.76 -0.63
N ALA A 271 20.88 -24.69 -0.72
CA ALA A 271 20.74 -23.96 -2.01
C ALA A 271 22.02 -23.36 -2.56
N ASP A 272 22.81 -22.76 -1.70
CA ASP A 272 24.04 -22.09 -2.09
C ASP A 272 25.06 -23.08 -2.65
N ALA A 273 24.91 -24.31 -2.18
CA ALA A 273 25.80 -25.44 -2.58
C ALA A 273 25.31 -26.20 -3.82
N LEU A 274 24.07 -25.99 -4.28
CA LEU A 274 23.59 -26.70 -5.45
C LEU A 274 24.45 -26.41 -6.64
N PRO A 275 24.66 -27.44 -7.47
CA PRO A 275 25.33 -27.18 -8.75
C PRO A 275 24.50 -26.18 -9.53
N ILE A 276 25.15 -25.27 -10.22
CA ILE A 276 24.43 -24.22 -10.94
C ILE A 276 23.52 -24.80 -12.03
N GLU A 277 23.87 -25.92 -12.66
CA GLU A 277 22.97 -26.51 -13.67
C GLU A 277 21.64 -26.92 -13.11
N GLN A 278 21.64 -27.41 -11.86
CA GLN A 278 20.43 -27.77 -11.21
C GLN A 278 19.60 -26.52 -10.94
N VAL A 279 20.26 -25.49 -10.40
CA VAL A 279 19.59 -24.21 -10.13
C VAL A 279 18.92 -23.65 -11.40
N ALA A 280 19.62 -23.80 -12.52
CA ALA A 280 19.16 -23.20 -13.77
C ALA A 280 18.16 -24.01 -14.55
N LYS A 281 17.86 -25.23 -14.12
CA LYS A 281 16.99 -26.14 -14.91
C LYS A 281 15.71 -25.54 -15.50
N ARG A 282 14.97 -24.79 -14.72
CA ARG A 282 13.65 -24.29 -15.21
C ARG A 282 13.68 -22.83 -15.71
N TRP A 283 14.91 -22.27 -15.78
CA TRP A 283 15.17 -20.98 -16.39
C TRP A 283 15.55 -21.22 -17.83
N ILE A 284 15.12 -20.40 -18.73
CA ILE A 284 15.70 -20.31 -20.05
C ILE A 284 17.08 -19.68 -19.84
N VAL A 285 18.17 -20.40 -20.14
CA VAL A 285 19.49 -19.83 -20.08
C VAL A 285 19.97 -19.63 -21.51
N ALA A 286 20.24 -18.38 -21.87
CA ALA A 286 20.67 -18.08 -23.18
C ALA A 286 21.63 -16.94 -23.20
N SER A 287 22.56 -17.00 -24.16
CA SER A 287 23.44 -15.91 -24.51
C SER A 287 23.41 -15.45 -25.96
N ASP A 288 22.69 -16.20 -26.79
CA ASP A 288 22.43 -15.85 -28.18
C ASP A 288 20.93 -15.48 -28.30
N PRO A 289 20.68 -14.32 -28.92
CA PRO A 289 19.28 -13.84 -28.91
C PRO A 289 18.34 -14.65 -29.76
N ASP A 290 18.80 -15.26 -30.85
CA ASP A 290 17.91 -16.15 -31.57
C ASP A 290 17.61 -17.41 -30.82
N GLU A 291 18.55 -17.95 -30.09
CA GLU A 291 18.28 -19.10 -29.27
C GLU A 291 17.27 -18.75 -28.11
N ALA A 292 17.47 -17.60 -27.50
CA ALA A 292 16.54 -17.14 -26.49
C ALA A 292 15.09 -17.09 -27.03
N VAL A 293 14.94 -16.44 -28.17
CA VAL A 293 13.63 -16.28 -28.80
C VAL A 293 13.05 -17.63 -29.15
N ALA A 294 13.86 -18.57 -29.67
CA ALA A 294 13.33 -19.89 -29.93
C ALA A 294 12.75 -20.59 -28.74
N GLN A 295 13.31 -20.35 -27.56
CA GLN A 295 12.80 -20.92 -26.33
C GLN A 295 11.60 -20.16 -25.77
N ILE A 296 11.41 -18.90 -26.16
CA ILE A 296 10.23 -18.10 -25.75
C ILE A 296 9.03 -18.38 -26.65
N ARG A 297 9.29 -18.52 -27.93
CA ARG A 297 8.25 -18.71 -28.95
C ARG A 297 7.17 -19.76 -28.66
N PRO A 298 7.49 -20.93 -28.04
CA PRO A 298 6.46 -21.94 -27.82
C PRO A 298 5.34 -21.46 -26.88
N TYR A 299 5.64 -20.48 -26.03
CA TYR A 299 4.59 -19.93 -25.15
C TYR A 299 3.65 -19.03 -25.92
N LEU A 300 4.17 -18.25 -26.87
CA LEU A 300 3.35 -17.49 -27.80
C LEU A 300 2.52 -18.42 -28.65
N ASP A 301 3.15 -19.49 -29.14
CA ASP A 301 2.43 -20.41 -30.00
C ASP A 301 1.31 -21.13 -29.24
N ALA A 302 1.48 -21.35 -27.94
CA ALA A 302 0.44 -21.95 -27.13
C ALA A 302 -0.73 -20.99 -26.86
N GLY A 303 -0.60 -19.68 -27.18
CA GLY A 303 -1.69 -18.74 -27.04
C GLY A 303 -1.56 -17.79 -25.88
N LEU A 304 -0.45 -17.85 -25.14
CA LEU A 304 -0.20 -16.85 -24.15
C LEU A 304 0.17 -15.60 -24.88
N ASN A 305 -0.49 -14.49 -24.56
CA ASN A 305 -0.26 -13.26 -25.20
C ASN A 305 0.48 -12.21 -24.44
N HIS A 306 0.52 -12.32 -23.13
CA HIS A 306 1.16 -11.34 -22.28
C HIS A 306 2.33 -12.01 -21.58
N LEU A 307 3.52 -11.72 -22.12
CA LEU A 307 4.73 -12.38 -21.61
C LEU A 307 5.39 -11.44 -20.66
N VAL A 308 5.55 -11.85 -19.40
CA VAL A 308 6.17 -10.98 -18.41
C VAL A 308 7.52 -11.67 -18.10
N PHE A 309 8.61 -11.00 -18.43
CA PHE A 309 9.90 -11.62 -18.33
C PHE A 309 10.51 -11.40 -16.93
N HIS A 310 10.90 -12.50 -16.33
CA HIS A 310 11.52 -12.54 -15.05
C HIS A 310 12.97 -13.02 -15.26
N ALA A 311 13.91 -12.10 -14.97
CA ALA A 311 15.36 -12.38 -15.11
C ALA A 311 15.93 -12.47 -13.70
N PRO A 312 16.88 -13.39 -13.47
CA PRO A 312 17.26 -13.77 -12.13
C PRO A 312 18.36 -12.98 -11.49
N GLY A 313 19.15 -12.28 -12.29
CA GLY A 313 20.38 -11.75 -11.75
C GLY A 313 20.27 -10.42 -11.05
N HIS A 314 21.29 -10.02 -10.31
CA HIS A 314 21.21 -8.77 -9.62
C HIS A 314 21.25 -7.57 -10.53
N ASP A 315 21.84 -7.70 -11.70
CA ASP A 315 22.00 -6.57 -12.60
C ASP A 315 20.83 -6.47 -13.54
N GLN A 316 19.70 -6.00 -12.97
CA GLN A 316 18.46 -5.93 -13.75
C GLN A 316 18.45 -4.83 -14.77
N LYS A 317 19.18 -3.74 -14.54
CA LYS A 317 19.29 -2.72 -15.56
C LYS A 317 19.93 -3.28 -16.83
N ARG A 318 20.98 -4.09 -16.65
CA ARG A 318 21.61 -4.73 -17.82
C ARG A 318 20.60 -5.64 -18.51
N PHE A 319 19.80 -6.43 -17.74
CA PHE A 319 18.80 -7.28 -18.40
C PHE A 319 17.84 -6.43 -19.25
N LEU A 320 17.29 -5.36 -18.67
CA LEU A 320 16.38 -4.53 -19.41
C LEU A 320 16.97 -3.92 -20.67
N GLU A 321 18.21 -3.49 -20.58
CA GLU A 321 18.91 -2.95 -21.79
C GLU A 321 19.13 -4.04 -22.86
N LEU A 322 19.55 -5.21 -22.42
CA LEU A 322 19.69 -6.35 -23.32
C LEU A 322 18.42 -6.82 -23.92
N PHE A 323 17.34 -6.84 -23.15
CA PHE A 323 16.06 -7.22 -23.66
C PHE A 323 15.63 -6.29 -24.78
N GLN A 324 15.71 -5.00 -24.54
CA GLN A 324 15.25 -4.03 -25.52
C GLN A 324 16.13 -4.14 -26.79
N ARG A 325 17.42 -4.32 -26.61
CA ARG A 325 18.35 -4.36 -27.79
C ARG A 325 18.18 -5.59 -28.59
N ASP A 326 18.24 -6.72 -27.90
CA ASP A 326 18.36 -8.00 -28.58
C ASP A 326 17.07 -8.80 -28.73
N LEU A 327 16.24 -8.82 -27.68
CA LEU A 327 15.14 -9.72 -27.66
C LEU A 327 13.81 -9.13 -28.19
N ALA A 328 13.48 -7.90 -27.77
CA ALA A 328 12.18 -7.31 -28.17
C ALA A 328 12.07 -7.23 -29.72
N PRO A 329 13.17 -6.84 -30.43
CA PRO A 329 12.94 -6.77 -31.91
C PRO A 329 12.68 -8.09 -32.57
N ARG A 330 13.37 -9.12 -32.07
CA ARG A 330 13.17 -10.47 -32.58
C ARG A 330 11.79 -11.01 -32.24
N LEU A 331 11.27 -10.66 -31.04
CA LEU A 331 9.96 -11.14 -30.65
C LEU A 331 8.88 -10.45 -31.49
N ARG A 332 9.02 -9.17 -31.69
CA ARG A 332 8.08 -8.41 -32.56
C ARG A 332 8.12 -8.92 -34.00
N GLY A 333 9.30 -9.35 -34.46
CA GLY A 333 9.44 -10.02 -35.75
C GLY A 333 8.80 -11.40 -35.92
N LEU A 334 8.25 -12.02 -34.89
CA LEU A 334 7.55 -13.31 -35.05
C LEU A 334 6.17 -13.14 -35.72
N MET B 1 10.24 20.44 20.58
CA MET B 1 10.42 20.28 19.10
C MET B 1 10.22 21.61 18.35
N VAL B 2 10.95 21.81 17.22
CA VAL B 2 10.84 23.00 16.33
C VAL B 2 9.39 23.30 15.81
N ILE B 3 9.05 24.57 15.58
CA ILE B 3 7.69 24.93 15.04
C ILE B 3 7.57 24.52 13.59
N LYS B 4 6.46 23.85 13.27
CA LYS B 4 6.19 23.39 11.91
C LYS B 4 4.74 23.67 11.55
N PHE B 5 4.49 23.95 10.27
CA PHE B 5 3.16 24.21 9.77
C PHE B 5 2.86 23.18 8.72
N GLY B 6 1.75 22.48 8.86
CA GLY B 6 1.35 21.48 7.87
C GLY B 6 -0.07 21.58 7.41
N TYR B 7 -0.45 20.67 6.52
CA TYR B 7 -1.72 20.67 5.80
C TYR B 7 -2.44 19.33 5.99
N LYS B 8 -3.70 19.34 6.37
CA LYS B 8 -4.51 18.14 6.47
C LYS B 8 -5.31 18.09 5.21
N ALA B 9 -5.04 17.06 4.40
CA ALA B 9 -5.79 16.77 3.17
C ALA B 9 -7.10 16.11 3.61
N SER B 10 -8.19 16.52 3.01
CA SER B 10 -9.52 15.98 3.40
C SER B 10 -9.94 14.88 2.51
N ALA B 11 -9.74 13.64 2.94
CA ALA B 11 -10.04 12.50 2.12
C ALA B 11 -11.53 12.39 1.80
N GLU B 12 -12.40 12.91 2.68
CA GLU B 12 -13.85 12.78 2.34
C GLU B 12 -14.32 13.71 1.25
N GLN B 13 -13.56 14.74 0.98
CA GLN B 13 -13.95 15.78 0.06
C GLN B 13 -13.43 15.73 -1.36
N PHE B 14 -12.36 14.93 -1.61
CA PHE B 14 -11.73 14.90 -2.90
C PHE B 14 -11.41 13.46 -3.33
N GLY B 15 -11.45 13.24 -4.61
CA GLY B 15 -11.03 11.98 -5.21
C GLY B 15 -9.55 11.83 -5.24
N PRO B 16 -9.08 10.65 -5.61
CA PRO B 16 -7.65 10.34 -5.39
C PRO B 16 -6.65 11.28 -6.05
N ARG B 17 -6.87 11.54 -7.34
CA ARG B 17 -5.91 12.40 -8.05
C ARG B 17 -5.89 13.81 -7.49
N GLU B 18 -7.06 14.38 -7.24
CA GLU B 18 -7.05 15.76 -6.68
C GLU B 18 -6.41 15.81 -5.31
N LEU B 19 -6.67 14.77 -4.52
CA LEU B 19 -6.09 14.69 -3.19
C LEU B 19 -4.55 14.64 -3.23
N VAL B 20 -4.02 13.81 -4.11
CA VAL B 20 -2.62 13.74 -4.32
C VAL B 20 -2.06 15.12 -4.78
N GLU B 21 -2.75 15.70 -5.75
CA GLU B 21 -2.22 16.98 -6.27
C GLU B 21 -2.24 18.04 -5.18
N LEU B 22 -3.21 17.99 -4.25
CA LEU B 22 -3.17 18.95 -3.14
C LEU B 22 -2.04 18.71 -2.18
N GLY B 23 -1.69 17.42 -1.96
CA GLY B 23 -0.51 17.15 -1.13
C GLY B 23 0.75 17.70 -1.76
N VAL B 24 0.89 17.55 -3.08
CA VAL B 24 2.05 18.09 -3.78
C VAL B 24 2.07 19.65 -3.71
N LEU B 25 0.89 20.26 -3.86
CA LEU B 25 0.78 21.76 -3.78
C LEU B 25 1.14 22.19 -2.38
N ALA B 26 0.86 21.40 -1.35
CA ALA B 26 1.21 21.73 0.01
C ALA B 26 2.70 21.94 0.15
N GLU B 27 3.50 21.06 -0.46
CA GLU B 27 4.93 21.33 -0.47
C GLU B 27 5.32 22.55 -1.30
N ALA B 28 4.71 22.70 -2.42
CA ALA B 28 4.95 23.87 -3.31
C ALA B 28 4.71 25.16 -2.59
N HIS B 29 3.75 25.15 -1.67
CA HIS B 29 3.39 26.35 -0.89
C HIS B 29 3.96 26.40 0.50
N GLY B 30 5.06 25.72 0.70
CA GLY B 30 5.84 25.84 1.90
C GLY B 30 5.45 25.05 3.12
N MET B 31 4.44 24.17 3.04
CA MET B 31 4.09 23.37 4.22
C MET B 31 5.20 22.39 4.60
N ASP B 32 5.38 22.12 5.88
CA ASP B 32 6.35 21.17 6.37
C ASP B 32 5.82 19.74 6.40
N SER B 33 4.50 19.56 6.37
CA SER B 33 3.89 18.25 6.46
C SER B 33 2.58 18.24 5.78
N ALA B 34 2.14 17.06 5.38
CA ALA B 34 0.78 16.86 4.95
C ALA B 34 0.30 15.52 5.48
N THR B 35 -0.88 15.45 6.00
CA THR B 35 -1.42 14.23 6.59
C THR B 35 -2.83 13.99 6.06
N VAL B 36 -3.31 12.75 6.16
CA VAL B 36 -4.61 12.35 5.72
C VAL B 36 -5.21 11.39 6.73
N SER B 37 -6.54 11.42 6.89
N SER B 37 -6.54 11.41 6.86
CA SER B 37 -7.20 10.42 7.74
CA SER B 37 -7.19 10.38 7.65
C SER B 37 -7.42 9.17 6.93
C SER B 37 -7.19 9.09 6.84
N ASP B 38 -7.33 8.00 7.56
CA ASP B 38 -7.49 6.67 6.94
C ASP B 38 -8.92 6.21 7.05
N HIS B 39 -9.76 6.77 6.27
CA HIS B 39 -11.16 6.35 6.20
C HIS B 39 -11.32 5.22 5.22
N PHE B 40 -12.25 4.33 5.51
CA PHE B 40 -12.74 3.43 4.48
C PHE B 40 -13.98 4.03 3.80
N GLN B 41 -15.00 4.38 4.60
CA GLN B 41 -16.37 4.64 4.12
C GLN B 41 -16.35 6.01 3.58
N PRO B 42 -16.83 6.17 2.34
CA PRO B 42 -17.13 7.49 1.78
C PRO B 42 -18.54 7.78 2.22
N TRP B 43 -18.68 8.88 2.94
CA TRP B 43 -20.01 9.36 3.39
C TRP B 43 -20.58 10.40 2.39
N ARG B 44 -21.67 10.08 1.68
CA ARG B 44 -22.32 11.04 0.74
C ARG B 44 -22.31 12.49 1.26
N HIS B 45 -22.66 12.62 2.55
CA HIS B 45 -22.79 13.93 3.22
C HIS B 45 -21.46 14.62 3.59
N GLU B 46 -20.42 13.85 3.90
CA GLU B 46 -19.08 14.44 4.13
C GLU B 46 -18.28 14.67 2.82
N GLY B 47 -18.88 14.42 1.65
CA GLY B 47 -18.33 14.78 0.32
C GLY B 47 -18.31 13.63 -0.69
N GLY B 48 -18.46 12.39 -0.22
CA GLY B 48 -18.61 11.23 -1.10
C GLY B 48 -17.31 10.56 -1.56
N HIS B 49 -16.19 10.81 -0.92
CA HIS B 49 -14.89 10.17 -1.31
C HIS B 49 -14.20 9.54 -0.12
N ALA B 50 -13.24 8.65 -0.45
CA ALA B 50 -12.35 8.07 0.58
C ALA B 50 -11.16 7.40 -0.09
N PRO B 51 -10.25 8.20 -0.65
CA PRO B 51 -9.06 7.60 -1.23
C PRO B 51 -8.22 6.86 -0.20
N PHE B 52 -7.65 5.72 -0.64
CA PHE B 52 -6.85 4.95 0.28
C PHE B 52 -5.62 5.72 0.72
N SER B 53 -5.50 5.83 2.03
CA SER B 53 -4.47 6.72 2.60
C SER B 53 -3.05 6.37 2.19
N LEU B 54 -2.69 5.07 2.15
CA LEU B 54 -1.28 4.69 1.90
C LEU B 54 -0.94 4.95 0.45
N ALA B 55 -1.88 4.84 -0.50
CA ALA B 55 -1.67 5.21 -1.86
C ALA B 55 -1.46 6.72 -1.97
N TRP B 56 -2.25 7.53 -1.25
CA TRP B 56 -2.02 8.95 -1.23
C TRP B 56 -0.65 9.28 -0.72
N MET B 57 -0.23 8.67 0.38
CA MET B 57 1.07 8.96 0.97
C MET B 57 2.18 8.66 -0.03
N THR B 58 2.09 7.49 -0.64
CA THR B 58 3.18 7.08 -1.56
C THR B 58 3.21 7.98 -2.79
N ALA B 59 2.05 8.26 -3.40
CA ALA B 59 2.04 9.07 -4.62
C ALA B 59 2.62 10.46 -4.29
N VAL B 60 2.16 11.08 -3.20
CA VAL B 60 2.69 12.39 -2.83
C VAL B 60 4.16 12.29 -2.53
N GLY B 61 4.58 11.25 -1.83
CA GLY B 61 6.00 11.05 -1.52
C GLY B 61 6.88 11.03 -2.77
N GLU B 62 6.43 10.33 -3.77
CA GLU B 62 7.22 10.16 -5.00
C GLU B 62 7.30 11.45 -5.81
N ARG B 63 6.39 12.37 -5.57
CA ARG B 63 6.29 13.67 -6.21
C ARG B 63 6.93 14.79 -5.44
N THR B 64 7.43 14.53 -4.26
CA THR B 64 7.93 15.57 -3.35
C THR B 64 9.31 15.22 -2.83
N SER B 65 9.92 16.13 -2.10
CA SER B 65 11.26 15.89 -1.58
C SER B 65 11.58 16.33 -0.18
N ARG B 66 10.69 17.09 0.45
CA ARG B 66 10.90 17.68 1.77
C ARG B 66 9.76 17.37 2.75
N LEU B 67 8.55 17.40 2.25
CA LEU B 67 7.38 17.32 3.05
C LEU B 67 7.31 16.05 3.95
N GLN B 68 6.96 16.15 5.22
CA GLN B 68 6.67 15.00 6.06
C GLN B 68 5.26 14.51 5.76
N LEU B 69 5.06 13.21 5.59
CA LEU B 69 3.79 12.64 5.20
C LEU B 69 3.38 11.60 6.25
N GLY B 70 2.14 11.56 6.55
CA GLY B 70 1.62 10.55 7.47
C GLY B 70 0.16 10.43 7.52
N THR B 71 -0.31 9.52 8.37
CA THR B 71 -1.74 9.33 8.62
C THR B 71 -2.10 10.11 9.87
N SER B 72 -3.30 10.70 9.87
CA SER B 72 -3.85 11.38 11.05
C SER B 72 -5.33 11.13 11.04
N VAL B 73 -5.79 9.95 11.45
CA VAL B 73 -4.99 8.83 11.87
C VAL B 73 -5.49 7.56 11.23
N MET B 74 -4.77 6.47 11.47
N MET B 74 -4.72 6.49 11.42
CA MET B 74 -5.23 5.18 11.09
CA MET B 74 -5.05 5.12 11.05
C MET B 74 -5.27 4.24 12.26
C MET B 74 -5.38 4.36 12.32
N THR B 75 -6.26 3.39 12.17
CA THR B 75 -6.52 2.42 13.26
C THR B 75 -5.89 1.13 12.82
N PRO B 76 -4.81 0.66 13.51
CA PRO B 76 -4.05 -0.49 12.99
C PRO B 76 -4.49 -1.84 13.54
N THR B 77 -5.67 -1.86 14.17
CA THR B 77 -6.01 -2.93 15.12
C THR B 77 -7.16 -3.82 14.69
N PHE B 78 -7.98 -3.46 13.72
CA PHE B 78 -9.15 -4.21 13.33
C PHE B 78 -9.19 -4.66 11.90
N ARG B 79 -9.23 -3.76 10.93
CA ARG B 79 -9.32 -4.23 9.57
C ARG B 79 -7.98 -4.39 8.93
N TYR B 80 -6.90 -4.08 9.66
CA TYR B 80 -5.59 -4.33 9.16
C TYR B 80 -4.86 -5.36 10.05
N ASN B 81 -3.97 -6.09 9.51
CA ASN B 81 -3.03 -6.88 10.29
C ASN B 81 -1.86 -5.97 10.65
N PRO B 82 -1.57 -5.79 11.95
CA PRO B 82 -0.52 -4.82 12.35
C PRO B 82 0.86 -5.10 11.71
N ALA B 83 1.18 -6.38 11.47
CA ALA B 83 2.40 -6.76 10.82
C ALA B 83 2.49 -6.17 9.41
N VAL B 84 1.36 -6.24 8.72
CA VAL B 84 1.29 -5.70 7.37
C VAL B 84 1.36 -4.18 7.42
N VAL B 85 0.73 -3.53 8.39
CA VAL B 85 0.87 -2.08 8.57
C VAL B 85 2.38 -1.73 8.72
N ALA B 86 3.07 -2.54 9.59
CA ALA B 86 4.49 -2.28 9.81
C ALA B 86 5.28 -2.37 8.51
N GLN B 87 4.95 -3.39 7.72
CA GLN B 87 5.61 -3.56 6.42
C GLN B 87 5.39 -2.32 5.48
N ALA B 88 4.10 -1.94 5.41
CA ALA B 88 3.73 -0.80 4.51
C ALA B 88 4.50 0.42 4.89
N PHE B 89 4.51 0.76 6.18
CA PHE B 89 5.20 1.99 6.66
C PHE B 89 6.71 1.88 6.56
N ALA B 90 7.24 0.67 6.82
CA ALA B 90 8.68 0.48 6.65
C ALA B 90 9.12 0.70 5.20
N THR B 91 8.37 0.12 4.27
CA THR B 91 8.63 0.35 2.87
C THR B 91 8.54 1.84 2.49
N MET B 92 7.47 2.48 2.91
CA MET B 92 7.36 3.90 2.62
C MET B 92 8.52 4.67 3.20
N GLY B 93 8.95 4.34 4.42
CA GLY B 93 10.08 5.07 4.99
C GLY B 93 11.36 4.84 4.19
N CYS B 94 11.57 3.64 3.65
CA CYS B 94 12.68 3.45 2.76
C CYS B 94 12.62 4.29 1.52
N LEU B 95 11.40 4.41 0.97
CA LEU B 95 11.21 5.17 -0.26
C LEU B 95 11.38 6.69 -0.01
N TYR B 96 10.98 7.18 1.17
CA TYR B 96 10.94 8.64 1.46
C TYR B 96 11.68 8.84 2.80
N PRO B 97 13.02 8.70 2.80
CA PRO B 97 13.74 8.68 4.09
C PRO B 97 13.54 9.90 4.91
N GLY B 98 13.22 9.67 6.19
CA GLY B 98 13.08 10.78 7.11
C GLY B 98 11.80 11.57 6.97
N ARG B 99 10.87 11.13 6.12
CA ARG B 99 9.63 11.89 5.80
C ARG B 99 8.34 11.14 6.04
N ILE B 100 8.39 10.01 6.72
CA ILE B 100 7.17 9.18 6.91
C ILE B 100 6.91 9.07 8.39
N MET B 101 5.67 9.23 8.76
CA MET B 101 5.24 8.86 10.10
C MET B 101 3.97 8.09 10.03
N LEU B 102 3.72 7.33 11.09
CA LEU B 102 2.53 6.53 11.31
C LEU B 102 1.71 7.10 12.40
N GLY B 103 0.60 7.76 12.12
CA GLY B 103 -0.28 8.38 13.11
C GLY B 103 -1.40 7.43 13.35
N VAL B 104 -1.61 7.06 14.63
CA VAL B 104 -2.58 6.02 14.99
C VAL B 104 -3.54 6.44 16.09
N GLY B 105 -4.72 5.86 16.02
CA GLY B 105 -5.75 6.04 17.08
C GLY B 105 -6.39 4.73 17.40
N THR B 106 -7.25 4.82 18.45
CA THR B 106 -7.91 3.66 19.03
C THR B 106 -9.16 3.19 18.27
N GLY B 107 -9.68 3.98 17.32
CA GLY B 107 -10.56 3.39 16.34
C GLY B 107 -11.95 3.98 16.37
N GLU B 108 -12.62 3.88 15.23
CA GLU B 108 -14.00 4.39 15.10
C GLU B 108 -14.81 3.17 14.69
N ALA B 109 -15.98 2.89 15.30
CA ALA B 109 -16.74 1.69 14.93
C ALA B 109 -17.27 1.64 13.51
N LEU B 110 -17.73 2.77 13.00
CA LEU B 110 -18.52 2.68 11.76
C LEU B 110 -17.65 2.16 10.61
N ASN B 111 -16.41 2.63 10.52
CA ASN B 111 -15.55 2.06 9.47
C ASN B 111 -15.21 0.60 9.63
N GLU B 112 -15.09 0.14 10.88
CA GLU B 112 -14.80 -1.23 11.10
C GLU B 112 -16.02 -2.13 10.87
N ILE B 113 -17.19 -1.69 11.32
CA ILE B 113 -18.43 -2.44 11.06
C ILE B 113 -18.66 -2.54 9.54
N ALA B 114 -18.35 -1.47 8.84
CA ALA B 114 -18.54 -1.48 7.38
C ALA B 114 -17.70 -2.51 6.68
N THR B 115 -16.48 -2.75 7.19
CA THR B 115 -15.56 -3.68 6.61
C THR B 115 -15.60 -5.08 7.21
N GLY B 116 -16.64 -5.39 8.03
CA GLY B 116 -16.90 -6.75 8.47
C GLY B 116 -16.57 -7.09 9.90
N PHE B 117 -16.25 -6.10 10.73
CA PHE B 117 -15.97 -6.36 12.12
C PHE B 117 -17.20 -7.09 12.69
N ALA B 118 -16.90 -8.16 13.40
CA ALA B 118 -17.97 -9.08 13.93
C ALA B 118 -18.20 -8.84 15.40
N GLY B 119 -19.46 -8.75 15.80
CA GLY B 119 -19.81 -8.68 17.24
C GLY B 119 -19.73 -7.31 17.83
N GLU B 120 -19.72 -7.25 19.15
CA GLU B 120 -19.91 -6.00 19.84
C GLU B 120 -18.59 -5.23 19.70
N TRP B 121 -18.73 -3.96 19.45
CA TRP B 121 -17.59 -3.07 19.34
C TRP B 121 -16.95 -3.07 20.72
N PRO B 122 -15.63 -3.28 20.81
CA PRO B 122 -15.00 -3.26 22.16
C PRO B 122 -15.07 -1.94 22.85
N GLU B 123 -14.99 -1.99 24.19
CA GLU B 123 -15.00 -0.80 24.98
C GLU B 123 -13.62 -0.16 24.92
N PHE B 124 -13.56 1.04 25.41
CA PHE B 124 -12.34 1.89 25.32
C PHE B 124 -11.11 1.18 25.87
N LYS B 125 -11.23 0.50 27.01
CA LYS B 125 -10.02 -0.16 27.53
C LYS B 125 -9.44 -1.19 26.59
N GLU B 126 -10.26 -2.02 25.98
CA GLU B 126 -9.79 -3.01 25.04
C GLU B 126 -9.26 -2.31 23.75
N ARG B 127 -9.97 -1.30 23.30
CA ARG B 127 -9.44 -0.59 22.07
C ARG B 127 -8.06 -0.02 22.33
N PHE B 128 -7.86 0.60 23.50
CA PHE B 128 -6.58 1.22 23.89
C PHE B 128 -5.54 0.14 24.06
N ALA B 129 -5.87 -0.96 24.77
CA ALA B 129 -4.92 -2.03 24.89
C ALA B 129 -4.47 -2.65 23.59
N ARG B 130 -5.41 -2.77 22.65
CA ARG B 130 -5.09 -3.27 21.35
C ARG B 130 -4.13 -2.34 20.63
N LEU B 131 -4.35 -1.06 20.77
CA LEU B 131 -3.47 -0.09 20.12
C LEU B 131 -2.06 -0.20 20.69
N ARG B 132 -1.90 -0.30 22.03
CA ARG B 132 -0.54 -0.34 22.59
C ARG B 132 0.18 -1.58 22.17
N GLU B 133 -0.56 -2.68 22.08
CA GLU B 133 -0.01 -3.94 21.68
C GLU B 133 0.44 -3.91 20.19
N ALA B 134 -0.45 -3.37 19.36
CA ALA B 134 -0.12 -3.28 17.94
C ALA B 134 1.11 -2.38 17.68
N VAL B 135 1.21 -1.28 18.40
CA VAL B 135 2.38 -0.36 18.31
C VAL B 135 3.68 -1.11 18.68
N ALA B 136 3.61 -1.83 19.79
CA ALA B 136 4.78 -2.60 20.17
C ALA B 136 5.19 -3.66 19.17
N LEU B 137 4.20 -4.40 18.64
CA LEU B 137 4.46 -5.35 17.62
C LEU B 137 5.16 -4.78 16.37
N MET B 138 4.60 -3.67 15.94
CA MET B 138 5.15 -3.04 14.74
C MET B 138 6.59 -2.57 14.97
N ARG B 139 6.83 -1.93 16.11
CA ARG B 139 8.18 -1.52 16.45
C ARG B 139 9.14 -2.70 16.62
N GLU B 140 8.66 -3.82 17.18
CA GLU B 140 9.51 -4.96 17.30
C GLU B 140 9.92 -5.49 15.93
N LEU B 141 8.99 -5.50 14.95
CA LEU B 141 9.36 -5.85 13.60
C LEU B 141 10.36 -4.90 13.00
N TRP B 142 10.17 -3.63 13.22
CA TRP B 142 11.13 -2.67 12.74
C TRP B 142 12.53 -2.83 13.35
N LEU B 143 12.60 -3.15 14.65
CA LEU B 143 13.90 -3.12 15.38
C LEU B 143 14.54 -4.47 15.43
N GLY B 144 13.78 -5.53 15.38
CA GLY B 144 14.31 -6.87 15.57
C GLY B 144 14.20 -7.74 14.32
N ASP B 145 14.19 -9.05 14.55
CA ASP B 145 14.28 -10.03 13.50
C ASP B 145 13.76 -11.35 14.02
N ARG B 146 13.14 -12.10 13.13
CA ARG B 146 12.56 -13.37 13.48
C ARG B 146 11.70 -13.28 14.73
N VAL B 147 10.75 -12.34 14.68
CA VAL B 147 9.93 -11.93 15.81
C VAL B 147 8.80 -12.92 15.97
N ASP B 148 8.73 -13.52 17.17
CA ASP B 148 7.60 -14.25 17.66
C ASP B 148 6.82 -13.46 18.67
N PHE B 149 6.03 -12.52 18.20
CA PHE B 149 5.21 -11.71 19.05
C PHE B 149 3.96 -12.44 19.40
N GLU B 150 3.69 -12.62 20.73
CA GLU B 150 2.50 -13.28 21.15
C GLU B 150 1.74 -12.48 22.14
N GLY B 151 0.87 -11.59 21.66
CA GLY B 151 0.15 -10.72 22.50
C GLY B 151 -1.24 -11.29 22.93
N ASN B 152 -2.04 -10.45 23.55
CA ASN B 152 -3.44 -10.88 23.83
C ASN B 152 -4.31 -10.84 22.56
N TYR B 153 -3.83 -10.17 21.49
CA TYR B 153 -4.67 -10.02 20.32
C TYR B 153 -3.96 -10.35 19.05
N TYR B 154 -2.69 -9.97 18.95
CA TYR B 154 -1.92 -10.08 17.74
C TYR B 154 -0.75 -10.99 17.87
N LYS B 155 -0.30 -11.53 16.78
CA LYS B 155 0.68 -12.56 16.73
C LYS B 155 1.56 -12.49 15.47
N THR B 156 2.82 -12.82 15.60
CA THR B 156 3.71 -13.12 14.52
C THR B 156 4.53 -14.33 14.85
N VAL B 157 5.10 -14.91 13.84
CA VAL B 157 5.86 -16.16 13.97
C VAL B 157 7.07 -16.01 13.05
N GLY B 158 8.28 -15.83 13.62
CA GLY B 158 9.47 -15.77 12.79
C GLY B 158 9.51 -14.61 11.78
N ALA B 159 8.75 -13.59 12.13
CA ALA B 159 8.51 -12.49 11.14
C ALA B 159 9.70 -11.58 11.07
N SER B 160 10.05 -11.12 9.88
CA SER B 160 11.11 -10.17 9.69
C SER B 160 10.71 -9.08 8.70
N ILE B 161 11.22 -7.92 9.00
CA ILE B 161 11.25 -6.84 8.04
C ILE B 161 12.65 -6.38 7.89
N TYR B 162 13.27 -6.66 6.74
CA TYR B 162 14.60 -6.17 6.46
C TYR B 162 14.62 -4.78 5.86
N ASP B 163 13.57 -4.48 5.09
CA ASP B 163 13.45 -3.26 4.30
C ASP B 163 12.76 -2.18 5.20
N VAL B 164 13.59 -1.55 6.05
CA VAL B 164 13.10 -0.58 7.04
C VAL B 164 14.25 0.40 7.33
N PRO B 165 13.94 1.66 7.54
CA PRO B 165 15.03 2.58 7.93
C PRO B 165 15.55 2.22 9.28
N GLU B 166 16.81 2.54 9.56
CA GLU B 166 17.33 2.20 10.91
C GLU B 166 16.49 2.89 11.99
N GLY B 167 16.03 2.15 12.99
CA GLY B 167 15.23 2.70 14.07
C GLY B 167 13.73 2.71 13.82
N GLY B 168 13.29 2.32 12.61
CA GLY B 168 11.87 2.17 12.31
C GLY B 168 11.30 3.52 11.87
N ILE B 169 10.02 3.64 12.15
CA ILE B 169 9.19 4.77 11.68
C ILE B 169 8.61 5.48 12.89
N PRO B 170 8.68 6.83 12.95
CA PRO B 170 7.99 7.56 14.01
C PRO B 170 6.54 7.22 14.12
N VAL B 171 6.04 6.95 15.30
CA VAL B 171 4.68 6.73 15.57
C VAL B 171 4.12 7.91 16.35
N TYR B 172 3.04 8.48 15.85
CA TYR B 172 2.32 9.56 16.47
C TYR B 172 1.04 8.99 17.04
N ILE B 173 0.71 9.32 18.29
CA ILE B 173 -0.46 8.78 18.93
C ILE B 173 -1.49 9.93 19.09
N ALA B 174 -2.71 9.72 18.59
CA ALA B 174 -3.75 10.68 18.78
C ALA B 174 -4.43 10.49 20.12
N ALA B 175 -4.75 11.59 20.76
CA ALA B 175 -5.45 11.51 22.03
C ALA B 175 -6.45 12.64 22.15
N GLY B 176 -7.60 12.33 22.74
CA GLY B 176 -8.53 13.38 23.13
C GLY B 176 -8.75 13.50 24.62
N GLY B 177 -7.96 12.78 25.37
CA GLY B 177 -8.04 12.73 26.82
C GLY B 177 -6.70 12.43 27.42
N PRO B 178 -6.59 12.56 28.74
CA PRO B 178 -5.32 12.40 29.44
C PRO B 178 -4.78 10.98 29.51
N VAL B 179 -5.62 9.96 29.49
CA VAL B 179 -5.19 8.60 29.63
C VAL B 179 -4.32 8.23 28.41
N VAL B 180 -4.85 8.47 27.22
CA VAL B 180 -4.02 8.15 26.03
C VAL B 180 -2.87 9.17 25.87
N ALA B 181 -3.05 10.40 26.32
CA ALA B 181 -1.97 11.34 26.20
C ALA B 181 -0.78 10.96 27.04
N ARG B 182 -1.05 10.40 28.23
CA ARG B 182 0.08 9.93 29.02
C ARG B 182 0.84 8.79 28.32
N TYR B 183 0.11 7.91 27.64
CA TYR B 183 0.72 6.93 26.77
C TYR B 183 1.58 7.52 25.67
N ALA B 184 1.05 8.56 25.01
CA ALA B 184 1.84 9.32 24.06
C ALA B 184 3.16 9.85 24.68
N GLY B 185 3.08 10.38 25.88
CA GLY B 185 4.31 10.85 26.52
C GLY B 185 5.28 9.75 26.89
N ARG B 186 4.78 8.61 27.27
CA ARG B 186 5.67 7.49 27.57
C ARG B 186 6.30 6.84 26.36
N SER B 187 5.53 6.80 25.25
CA SER B 187 5.81 5.84 24.18
C SER B 187 5.73 6.43 22.78
N GLY B 188 5.13 7.57 22.60
CA GLY B 188 5.01 8.11 21.26
C GLY B 188 6.21 8.87 20.83
N ASP B 189 6.49 8.85 19.51
CA ASP B 189 7.41 9.78 18.89
C ASP B 189 6.76 11.13 18.64
N GLY B 190 5.45 11.11 18.60
CA GLY B 190 4.62 12.28 18.47
C GLY B 190 3.29 12.08 19.08
N PHE B 191 2.57 13.19 19.17
CA PHE B 191 1.27 13.27 19.75
C PHE B 191 0.36 14.09 18.81
N ILE B 192 -0.88 13.68 18.64
CA ILE B 192 -1.83 14.39 17.80
C ILE B 192 -3.09 14.72 18.63
N CYS B 193 -3.57 15.93 18.53
CA CYS B 193 -4.85 16.30 19.08
C CYS B 193 -5.55 17.22 18.05
N THR B 194 -6.78 17.60 18.36
CA THR B 194 -7.64 18.37 17.46
CA THR B 194 -7.57 18.43 17.45
C THR B 194 -8.07 19.65 18.19
N SER B 195 -8.15 20.72 17.45
CA SER B 195 -8.52 22.03 17.96
C SER B 195 -9.97 22.15 18.25
N GLY B 196 -10.27 23.32 18.85
CA GLY B 196 -11.66 23.77 19.00
C GLY B 196 -12.45 23.18 20.18
N LYS B 197 -11.74 22.60 21.16
CA LYS B 197 -12.33 22.24 22.47
C LYS B 197 -12.00 23.41 23.37
N GLY B 198 -12.47 23.49 24.59
CA GLY B 198 -11.96 24.65 25.35
C GLY B 198 -10.43 24.62 25.47
N MET B 199 -9.78 25.76 25.62
CA MET B 199 -8.32 25.75 25.73
C MET B 199 -7.76 24.98 26.94
N GLU B 200 -8.56 24.88 27.98
CA GLU B 200 -8.20 24.10 29.16
C GLU B 200 -7.95 22.64 28.87
N LEU B 201 -8.63 22.06 27.90
CA LEU B 201 -8.30 20.69 27.47
C LEU B 201 -6.81 20.58 27.19
N TYR B 202 -6.24 21.53 26.43
CA TYR B 202 -4.83 21.45 26.04
C TYR B 202 -3.89 21.76 27.20
N THR B 203 -4.19 22.86 27.93
CA THR B 203 -3.26 23.36 28.91
C THR B 203 -3.33 22.65 30.26
N GLU B 204 -4.48 22.07 30.59
CA GLU B 204 -4.68 21.41 31.89
C GLU B 204 -4.72 19.91 31.83
N LYS B 205 -5.10 19.35 30.70
CA LYS B 205 -5.26 17.91 30.57
C LYS B 205 -4.21 17.27 29.66
N LEU B 206 -4.22 17.63 28.38
CA LEU B 206 -3.41 16.92 27.43
C LEU B 206 -1.95 17.27 27.55
N MET B 207 -1.51 18.55 27.55
CA MET B 207 -0.08 18.79 27.63
C MET B 207 0.56 18.31 28.95
N PRO B 208 -0.14 18.51 30.08
CA PRO B 208 0.40 17.94 31.32
C PRO B 208 0.48 16.44 31.35
N ALA B 209 -0.48 15.77 30.70
CA ALA B 209 -0.45 14.31 30.58
C ALA B 209 0.72 13.82 29.73
N VAL B 210 0.98 14.47 28.58
CA VAL B 210 2.15 14.14 27.77
C VAL B 210 3.46 14.33 28.59
N ALA B 211 3.56 15.45 29.31
CA ALA B 211 4.76 15.68 30.13
C ALA B 211 4.95 14.64 31.26
N GLU B 212 3.85 14.21 31.81
CA GLU B 212 3.82 13.18 32.86
C GLU B 212 4.29 11.87 32.38
N GLY B 213 3.76 11.47 31.23
CA GLY B 213 4.25 10.25 30.64
C GLY B 213 5.69 10.27 30.28
N ALA B 214 6.18 11.38 29.74
CA ALA B 214 7.58 11.51 29.32
C ALA B 214 8.47 11.44 30.62
N GLU B 215 7.99 12.07 31.69
CA GLU B 215 8.69 11.98 33.02
C GLU B 215 8.78 10.54 33.49
N LYS B 216 7.64 9.86 33.52
CA LYS B 216 7.58 8.47 33.98
C LYS B 216 8.47 7.55 33.16
N ALA B 217 8.63 7.86 31.88
CA ALA B 217 9.51 7.08 31.02
C ALA B 217 10.94 7.57 30.92
N ASP B 218 11.32 8.58 31.69
CA ASP B 218 12.69 9.07 31.66
C ASP B 218 13.11 9.64 30.32
N ARG B 219 12.18 10.31 29.62
CA ARG B 219 12.48 10.91 28.33
C ARG B 219 12.40 12.38 28.41
N ASP B 220 13.04 13.02 27.46
CA ASP B 220 12.95 14.44 27.30
C ASP B 220 11.65 14.75 26.48
N VAL B 221 10.68 15.38 27.12
CA VAL B 221 9.43 15.74 26.51
C VAL B 221 9.60 16.61 25.24
N ALA B 222 10.66 17.38 25.16
CA ALA B 222 10.89 18.23 24.01
C ALA B 222 11.09 17.43 22.72
N GLU B 223 11.48 16.18 22.79
CA GLU B 223 11.71 15.34 21.61
C GLU B 223 10.41 14.77 21.03
N ILE B 224 9.29 14.97 21.72
CA ILE B 224 8.01 14.47 21.21
C ILE B 224 7.43 15.56 20.34
N ASP B 225 7.08 15.24 19.09
CA ASP B 225 6.48 16.23 18.21
C ASP B 225 5.02 16.35 18.63
N LYS B 226 4.58 17.58 18.87
CA LYS B 226 3.24 17.81 19.44
C LYS B 226 2.37 18.50 18.38
N MET B 227 1.56 17.66 17.74
CA MET B 227 0.79 18.06 16.56
C MET B 227 -0.65 18.40 16.97
N ILE B 228 -1.20 19.48 16.42
CA ILE B 228 -2.57 19.81 16.56
C ILE B 228 -3.18 20.09 15.19
N GLU B 229 -4.31 19.45 14.94
CA GLU B 229 -5.14 19.74 13.73
C GLU B 229 -6.02 20.94 14.04
N ILE B 230 -5.84 22.01 13.30
CA ILE B 230 -6.59 23.23 13.49
C ILE B 230 -7.54 23.46 12.36
N LYS B 231 -8.84 23.39 12.64
CA LYS B 231 -9.90 23.68 11.68
C LYS B 231 -10.05 25.18 11.50
N ILE B 232 -9.85 25.60 10.23
CA ILE B 232 -9.74 27.02 9.92
C ILE B 232 -10.32 27.27 8.54
N SER B 233 -11.30 28.21 8.48
CA SER B 233 -11.75 28.75 7.20
C SER B 233 -11.20 30.15 7.13
N TYR B 234 -10.18 30.37 6.31
CA TYR B 234 -9.61 31.67 6.11
C TYR B 234 -9.83 32.00 4.65
N ASP B 235 -10.27 33.24 4.41
CA ASP B 235 -10.41 33.77 3.02
C ASP B 235 -10.47 35.27 3.20
N THR B 236 -9.78 36.01 2.35
CA THR B 236 -9.91 37.49 2.42
C THR B 236 -11.26 37.99 2.03
N ASP B 237 -12.07 37.20 1.33
CA ASP B 237 -13.39 37.58 0.97
C ASP B 237 -14.29 37.15 2.14
N PRO B 238 -14.97 38.14 2.81
CA PRO B 238 -15.63 37.74 4.04
C PRO B 238 -16.71 36.74 3.78
N GLU B 239 -17.45 36.90 2.67
CA GLU B 239 -18.45 35.98 2.38
C GLU B 239 -17.94 34.59 2.08
N LEU B 240 -16.88 34.43 1.25
CA LEU B 240 -16.34 33.10 0.97
C LEU B 240 -15.77 32.36 2.24
N ALA B 241 -15.20 33.11 3.14
CA ALA B 241 -14.63 32.58 4.44
C ALA B 241 -15.73 31.90 5.20
N LEU B 242 -16.85 32.61 5.32
CA LEU B 242 -18.00 31.98 5.96
C LEU B 242 -18.59 30.88 5.12
N GLU B 243 -18.80 31.09 3.83
CA GLU B 243 -19.54 30.15 3.01
C GLU B 243 -18.80 28.80 2.82
N ASN B 244 -17.48 28.87 2.88
CA ASN B 244 -16.68 27.63 2.77
C ASN B 244 -16.96 26.66 3.93
N THR B 245 -17.37 27.13 5.08
CA THR B 245 -17.71 26.22 6.18
C THR B 245 -18.97 25.37 5.95
N ARG B 246 -19.82 25.75 5.00
CA ARG B 246 -21.09 25.04 4.83
C ARG B 246 -20.88 23.58 4.37
N PHE B 247 -19.72 23.23 3.84
CA PHE B 247 -19.34 21.81 3.69
C PHE B 247 -19.26 20.95 4.96
N TRP B 248 -18.86 21.57 6.08
CA TRP B 248 -18.84 20.92 7.40
C TRP B 248 -20.19 20.94 8.15
N ALA B 249 -21.27 21.46 7.54
CA ALA B 249 -22.68 21.18 8.00
C ALA B 249 -22.97 21.45 9.49
N ALA B 280 -16.92 25.69 23.34
CA ALA B 280 -16.04 26.53 22.51
C ALA B 280 -16.46 26.43 21.03
N LYS B 281 -15.93 27.33 20.21
CA LYS B 281 -16.18 27.25 18.77
C LYS B 281 -15.26 26.17 18.18
N ARG B 282 -15.78 25.36 17.29
CA ARG B 282 -14.96 24.31 16.75
C ARG B 282 -14.02 24.88 15.66
N TRP B 283 -14.49 25.92 14.96
CA TRP B 283 -13.74 26.44 13.79
C TRP B 283 -13.24 27.83 14.00
N ILE B 284 -12.06 28.17 13.44
CA ILE B 284 -11.66 29.55 13.21
C ILE B 284 -12.26 29.96 11.85
N VAL B 285 -12.97 31.08 11.82
CA VAL B 285 -13.58 31.58 10.63
C VAL B 285 -13.16 33.00 10.54
N ALA B 286 -12.39 33.34 9.52
CA ALA B 286 -11.76 34.64 9.53
C ALA B 286 -11.53 35.12 8.11
N SER B 287 -11.64 36.44 7.94
CA SER B 287 -11.15 37.07 6.72
C SER B 287 -10.04 38.07 6.94
N ASP B 288 -9.64 38.31 8.20
CA ASP B 288 -8.53 39.13 8.51
C ASP B 288 -7.34 38.29 9.02
N PRO B 289 -6.19 38.39 8.37
CA PRO B 289 -5.11 37.47 8.71
C PRO B 289 -4.58 37.67 10.13
N ASP B 290 -4.58 38.90 10.66
CA ASP B 290 -4.17 39.04 12.06
C ASP B 290 -5.13 38.46 13.03
N GLU B 291 -6.42 38.53 12.77
CA GLU B 291 -7.42 37.87 13.65
C GLU B 291 -7.21 36.34 13.59
N ALA B 292 -7.02 35.81 12.38
CA ALA B 292 -6.76 34.36 12.23
C ALA B 292 -5.55 33.97 13.07
N VAL B 293 -4.46 34.69 12.95
CA VAL B 293 -3.24 34.35 13.67
C VAL B 293 -3.45 34.45 15.16
N ALA B 294 -4.23 35.43 15.57
CA ALA B 294 -4.52 35.54 17.01
C ALA B 294 -5.25 34.38 17.56
N GLN B 295 -6.04 33.73 16.76
CA GLN B 295 -6.84 32.57 17.15
C GLN B 295 -5.99 31.27 17.12
N ILE B 296 -4.94 31.27 16.31
CA ILE B 296 -4.00 30.17 16.26
C ILE B 296 -2.96 30.23 17.37
N ARG B 297 -2.46 31.45 17.69
CA ARG B 297 -1.39 31.65 18.68
C ARG B 297 -1.57 30.88 20.02
N PRO B 298 -2.78 30.80 20.57
CA PRO B 298 -2.92 30.12 21.85
C PRO B 298 -2.48 28.65 21.84
N TYR B 299 -2.63 27.99 20.72
CA TYR B 299 -2.12 26.63 20.61
C TYR B 299 -0.62 26.58 20.70
N LEU B 300 0.09 27.54 20.05
CA LEU B 300 1.52 27.58 20.15
C LEU B 300 1.95 27.89 21.57
N ASP B 301 1.20 28.79 22.21
CA ASP B 301 1.57 29.16 23.58
C ASP B 301 1.35 28.00 24.55
N ALA B 302 0.41 27.10 24.29
CA ALA B 302 0.17 25.90 25.07
C ALA B 302 1.25 24.81 24.88
N GLY B 303 2.11 24.99 23.93
CA GLY B 303 3.25 24.12 23.66
C GLY B 303 3.08 23.15 22.51
N LEU B 304 1.99 23.28 21.75
CA LEU B 304 1.87 22.53 20.49
C LEU B 304 2.81 23.17 19.51
N ASN B 305 3.64 22.41 18.86
CA ASN B 305 4.65 23.00 18.00
C ASN B 305 4.40 22.70 16.53
N HIS B 306 3.55 21.68 16.26
CA HIS B 306 3.39 21.24 14.89
C HIS B 306 1.89 21.47 14.55
N LEU B 307 1.65 22.62 13.89
CA LEU B 307 0.27 23.05 13.59
C LEU B 307 -0.12 22.54 12.22
N VAL B 308 -1.18 21.76 12.15
CA VAL B 308 -1.64 21.19 10.89
C VAL B 308 -2.97 21.77 10.58
N PHE B 309 -3.09 22.43 9.44
CA PHE B 309 -4.32 23.18 9.15
C PHE B 309 -5.25 22.40 8.28
N HIS B 310 -6.50 22.38 8.64
CA HIS B 310 -7.55 21.68 7.95
C HIS B 310 -8.62 22.72 7.60
N ALA B 311 -8.84 22.93 6.31
CA ALA B 311 -9.71 23.96 5.76
C ALA B 311 -10.87 23.33 5.05
N PRO B 312 -12.07 23.96 5.11
CA PRO B 312 -13.29 23.37 4.55
C PRO B 312 -13.57 23.67 3.13
N GLY B 313 -13.04 24.71 2.59
CA GLY B 313 -13.53 25.00 1.24
C GLY B 313 -13.24 24.00 0.10
N HIS B 314 -13.99 24.01 -1.00
CA HIS B 314 -13.62 23.19 -2.13
C HIS B 314 -12.32 23.70 -2.76
N ASP B 315 -12.06 24.99 -2.66
CA ASP B 315 -10.89 25.56 -3.30
C ASP B 315 -9.70 25.48 -2.32
N GLN B 316 -9.17 24.29 -2.22
CA GLN B 316 -8.00 24.08 -1.37
C GLN B 316 -6.73 24.67 -1.89
N LYS B 317 -6.60 24.81 -3.22
CA LYS B 317 -5.44 25.45 -3.77
C LYS B 317 -5.41 26.91 -3.29
N ARG B 318 -6.56 27.54 -3.31
CA ARG B 318 -6.64 28.93 -2.81
C ARG B 318 -6.24 28.98 -1.32
N PHE B 319 -6.74 28.01 -0.52
CA PHE B 319 -6.31 28.00 0.87
C PHE B 319 -4.81 27.92 1.05
N LEU B 320 -4.17 27.00 0.33
CA LEU B 320 -2.74 26.85 0.42
C LEU B 320 -2.01 28.14 -0.02
N GLU B 321 -2.51 28.76 -1.08
CA GLU B 321 -1.92 30.04 -1.53
C GLU B 321 -2.11 31.15 -0.50
N LEU B 322 -3.30 31.24 0.08
CA LEU B 322 -3.54 32.30 1.05
C LEU B 322 -2.77 32.02 2.36
N PHE B 323 -2.67 30.75 2.75
CA PHE B 323 -1.89 30.40 3.94
C PHE B 323 -0.47 30.87 3.81
N GLN B 324 0.16 30.48 2.70
CA GLN B 324 1.51 30.87 2.45
C GLN B 324 1.62 32.42 2.39
N ARG B 325 0.71 33.05 1.70
CA ARG B 325 0.89 34.53 1.50
C ARG B 325 0.66 35.31 2.78
N ASP B 326 -0.41 34.98 3.49
CA ASP B 326 -0.96 35.82 4.56
C ASP B 326 -0.69 35.28 5.95
N LEU B 327 -0.77 33.96 6.12
CA LEU B 327 -0.78 33.41 7.51
C LEU B 327 0.58 33.00 7.94
N ALA B 328 1.30 32.25 7.12
CA ALA B 328 2.60 31.73 7.52
C ALA B 328 3.57 32.87 7.92
N PRO B 329 3.63 33.97 7.17
CA PRO B 329 4.61 34.98 7.59
C PRO B 329 4.29 35.61 8.95
N ARG B 330 3.04 35.82 9.19
CA ARG B 330 2.52 36.34 10.48
C ARG B 330 2.77 35.33 11.61
N LEU B 331 2.69 34.04 11.33
CA LEU B 331 2.92 33.04 12.39
C LEU B 331 4.38 32.95 12.71
N ARG B 332 5.24 33.01 11.73
CA ARG B 332 6.67 32.97 11.98
C ARG B 332 7.09 34.20 12.71
N GLY B 333 6.37 35.28 12.52
CA GLY B 333 6.63 36.57 13.19
C GLY B 333 6.30 36.59 14.68
N LEU B 334 5.66 35.54 15.22
CA LEU B 334 5.34 35.52 16.66
C LEU B 334 6.55 35.21 17.56
#